data_4LBI
#
_entry.id   4LBI
#
_cell.length_a   135.238
_cell.length_b   158.010
_cell.length_c   50.385
_cell.angle_alpha   90.00
_cell.angle_beta   90.00
_cell.angle_gamma   90.00
#
_symmetry.space_group_name_H-M   'C 2 2 21'
#
loop_
_entity.id
_entity.type
_entity.pdbx_description
1 polymer '5-chloro-2-hydroxyhydroquinone dehydrochlorinase (TftG)'
2 water water
#
_entity_poly.entity_id   1
_entity_poly.type   'polypeptide(L)'
_entity_poly.pdbx_seq_one_letter_code
;(MSE)LFLIYRKDRPGSLQVRIDNYAAHLAYLEPLKAKIQVGGPTLGAGTGTDDKD(MSE)TGSFLI(MSE)EAESWDEV
HSFVENDPFTKAGLFAATIVERWKHGKHNDSK
;
_entity_poly.pdbx_strand_id   A,B,C,D
#
# COMPACT_ATOMS: atom_id res chain seq x y z
N MSE A 1 18.44 -10.92 -7.58
CA MSE A 1 17.42 -10.64 -6.57
C MSE A 1 16.05 -10.63 -7.24
O MSE A 1 15.94 -10.18 -8.38
CB MSE A 1 17.66 -9.29 -5.91
CG MSE A 1 18.67 -9.27 -4.78
SE MSE A 1 18.79 -7.50 -3.95
CE MSE A 1 19.92 -6.74 -5.25
N LEU A 2 15.03 -11.10 -6.52
CA LEU A 2 13.65 -11.00 -7.01
C LEU A 2 12.88 -9.86 -6.35
N PHE A 3 12.05 -9.17 -7.13
CA PHE A 3 11.23 -8.07 -6.63
C PHE A 3 9.77 -8.18 -7.04
N LEU A 4 8.89 -7.99 -6.06
CA LEU A 4 7.50 -7.66 -6.33
C LEU A 4 7.44 -6.21 -6.79
N ILE A 5 6.77 -5.93 -7.90
CA ILE A 5 6.50 -4.56 -8.30
C ILE A 5 4.99 -4.35 -8.52
N TYR A 6 4.39 -3.56 -7.63
CA TYR A 6 2.94 -3.36 -7.58
C TYR A 6 2.66 -1.90 -7.87
N ARG A 7 1.81 -1.65 -8.86
N ARG A 7 1.83 -1.66 -8.88
CA ARG A 7 1.50 -0.30 -9.30
CA ARG A 7 1.51 -0.30 -9.29
C ARG A 7 0.02 -0.16 -9.64
C ARG A 7 0.01 -0.17 -9.61
N LYS A 8 -0.64 0.82 -9.02
CA LYS A 8 -2.08 1.04 -9.27
C LYS A 8 -2.31 2.31 -10.06
N ASP A 9 -3.22 2.26 -11.03
CA ASP A 9 -3.55 3.42 -11.85
C ASP A 9 -4.21 4.49 -11.03
N ARG A 10 -4.00 5.74 -11.41
CA ARG A 10 -4.78 6.86 -10.89
C ARG A 10 -6.24 6.59 -11.25
N PRO A 11 -7.14 6.81 -10.29
CA PRO A 11 -8.58 6.64 -10.58
C PRO A 11 -9.02 7.45 -11.80
N GLY A 12 -9.77 6.82 -12.70
CA GLY A 12 -10.26 7.49 -13.90
C GLY A 12 -9.27 7.67 -15.04
N SER A 13 -8.06 7.13 -14.90
CA SER A 13 -7.09 7.15 -15.99
C SER A 13 -7.07 5.88 -16.88
N LEU A 14 -8.17 5.12 -16.93
CA LEU A 14 -8.20 3.91 -17.75
C LEU A 14 -7.79 4.16 -19.21
N GLN A 15 -8.27 5.27 -19.78
CA GLN A 15 -7.95 5.57 -21.17
C GLN A 15 -6.46 5.85 -21.39
N VAL A 16 -5.76 6.39 -20.38
CA VAL A 16 -4.31 6.53 -20.45
C VAL A 16 -3.63 5.13 -20.53
N ARG A 17 -4.12 4.18 -19.74
CA ARG A 17 -3.69 2.78 -19.83
C ARG A 17 -3.93 2.18 -21.23
N ILE A 18 -5.16 2.31 -21.73
CA ILE A 18 -5.53 1.76 -23.04
C ILE A 18 -4.64 2.33 -24.15
N ASP A 19 -4.48 3.65 -24.17
CA ASP A 19 -3.72 4.34 -25.22
C ASP A 19 -2.26 3.93 -25.22
N ASN A 20 -1.73 3.59 -24.06
CA ASN A 20 -0.29 3.33 -23.93
C ASN A 20 0.08 1.87 -23.68
N TYR A 21 -0.92 1.01 -23.59
CA TYR A 21 -0.70 -0.40 -23.30
C TYR A 21 0.31 -1.03 -24.26
N ALA A 22 0.18 -0.74 -25.55
CA ALA A 22 1.07 -1.34 -26.54
C ALA A 22 2.52 -0.94 -26.29
N ALA A 23 2.74 0.35 -26.05
CA ALA A 23 4.09 0.87 -25.79
C ALA A 23 4.66 0.31 -24.49
N HIS A 24 3.79 0.13 -23.49
CA HIS A 24 4.17 -0.51 -22.23
C HIS A 24 4.64 -1.95 -22.46
N LEU A 25 3.89 -2.70 -23.26
CA LEU A 25 4.21 -4.10 -23.51
C LEU A 25 5.49 -4.24 -24.32
N ALA A 26 5.70 -3.32 -25.26
CA ALA A 26 6.92 -3.34 -26.08
C ALA A 26 8.11 -3.00 -25.19
N TYR A 27 7.88 -2.19 -24.17
CA TYR A 27 8.90 -1.88 -23.18
C TYR A 27 9.31 -3.12 -22.39
N LEU A 28 8.34 -3.94 -22.03
CA LEU A 28 8.57 -5.15 -21.25
C LEU A 28 9.25 -6.27 -22.04
N GLU A 29 9.00 -6.28 -23.35
CA GLU A 29 9.46 -7.36 -24.24
C GLU A 29 10.94 -7.76 -24.18
N PRO A 30 11.88 -6.79 -24.25
CA PRO A 30 13.29 -7.17 -24.19
C PRO A 30 13.68 -7.81 -22.85
N LEU A 31 12.86 -7.58 -21.82
CA LEU A 31 13.18 -8.02 -20.47
C LEU A 31 12.36 -9.23 -20.08
N LYS A 32 11.64 -9.79 -21.05
CA LYS A 32 10.82 -11.00 -20.87
C LYS A 32 11.46 -12.04 -19.94
N ALA A 33 12.75 -12.27 -20.09
CA ALA A 33 13.39 -13.40 -19.42
C ALA A 33 13.65 -13.14 -17.95
N LYS A 34 13.60 -11.86 -17.55
CA LYS A 34 13.80 -11.47 -16.16
C LYS A 34 12.48 -11.43 -15.39
N ILE A 35 11.37 -11.49 -16.13
CA ILE A 35 10.04 -11.40 -15.52
C ILE A 35 9.42 -12.79 -15.35
N GLN A 36 9.22 -13.20 -14.11
CA GLN A 36 8.67 -14.53 -13.82
C GLN A 36 7.15 -14.56 -13.85
N VAL A 37 6.52 -13.50 -13.35
CA VAL A 37 5.07 -13.40 -13.31
C VAL A 37 4.70 -11.96 -13.62
N GLY A 38 3.66 -11.78 -14.42
CA GLY A 38 3.16 -10.47 -14.77
C GLY A 38 1.72 -10.46 -15.23
N GLY A 39 1.02 -9.39 -14.88
CA GLY A 39 -0.35 -9.20 -15.33
C GLY A 39 -0.97 -8.04 -14.58
N PRO A 40 -2.13 -7.57 -15.05
CA PRO A 40 -2.75 -6.39 -14.45
C PRO A 40 -3.71 -6.72 -13.31
N THR A 41 -3.87 -5.79 -12.37
CA THR A 41 -4.90 -5.93 -11.34
C THR A 41 -6.22 -5.57 -12.03
N LEU A 42 -7.31 -6.13 -11.54
CA LEU A 42 -8.60 -5.92 -12.17
C LEU A 42 -9.55 -5.25 -11.19
N GLY A 43 -10.50 -4.47 -11.72
CA GLY A 43 -11.40 -3.71 -10.86
C GLY A 43 -12.69 -4.43 -10.51
N ALA A 44 -13.76 -3.65 -10.40
CA ALA A 44 -15.08 -4.15 -10.04
C ALA A 44 -15.61 -5.20 -11.01
N GLY A 45 -16.47 -6.07 -10.51
CA GLY A 45 -17.13 -7.08 -11.33
C GLY A 45 -16.29 -8.31 -11.52
N THR A 46 -16.61 -9.08 -12.56
CA THR A 46 -15.89 -10.32 -12.87
C THR A 46 -15.27 -10.30 -14.26
N GLY A 47 -15.43 -9.20 -14.98
CA GLY A 47 -14.84 -9.04 -16.30
C GLY A 47 -13.33 -9.13 -16.23
N THR A 48 -12.73 -9.73 -17.26
CA THR A 48 -11.29 -9.88 -17.34
C THR A 48 -10.76 -9.38 -18.67
N ASP A 49 -11.36 -8.31 -19.19
CA ASP A 49 -10.92 -7.74 -20.46
C ASP A 49 -10.11 -6.47 -20.23
N ASP A 50 -9.74 -5.79 -21.30
CA ASP A 50 -8.91 -4.59 -21.16
C ASP A 50 -9.54 -3.51 -20.29
N LYS A 51 -10.84 -3.29 -20.42
CA LYS A 51 -11.48 -2.20 -19.70
C LYS A 51 -11.56 -2.46 -18.18
N ASP A 52 -11.22 -3.67 -17.76
CA ASP A 52 -11.21 -4.04 -16.36
C ASP A 52 -9.87 -3.76 -15.65
N MSE A 53 -8.83 -3.46 -16.42
CA MSE A 53 -7.49 -3.26 -15.82
C MSE A 53 -7.41 -2.03 -14.91
O MSE A 53 -7.93 -0.96 -15.24
CB MSE A 53 -6.43 -3.16 -16.92
CG MSE A 53 -6.16 -4.47 -17.64
SE MSE A 53 -4.64 -4.34 -18.85
CE MSE A 53 -5.42 -3.15 -20.14
N THR A 54 -6.73 -2.19 -13.77
CA THR A 54 -6.61 -1.09 -12.81
C THR A 54 -5.18 -0.86 -12.35
N GLY A 55 -4.26 -1.71 -12.78
CA GLY A 55 -2.88 -1.61 -12.33
C GLY A 55 -2.00 -2.67 -12.94
N SER A 56 -0.74 -2.73 -12.52
CA SER A 56 0.23 -3.65 -13.11
C SER A 56 1.00 -4.33 -12.00
N PHE A 57 1.09 -5.65 -12.06
CA PHE A 57 1.91 -6.38 -11.11
C PHE A 57 3.00 -7.16 -11.80
N LEU A 58 4.19 -7.19 -11.22
CA LEU A 58 5.30 -7.97 -11.76
C LEU A 58 6.12 -8.60 -10.66
N ILE A 59 6.64 -9.81 -10.92
CA ILE A 59 7.77 -10.31 -10.15
C ILE A 59 8.96 -10.37 -11.08
N MSE A 60 10.00 -9.63 -10.72
CA MSE A 60 11.12 -9.47 -11.63
C MSE A 60 12.47 -9.68 -10.99
O MSE A 60 12.69 -9.33 -9.81
CB MSE A 60 11.08 -8.08 -12.26
CG MSE A 60 11.79 -8.01 -13.59
SE MSE A 60 11.88 -6.20 -14.23
CE MSE A 60 12.95 -5.42 -12.78
N GLU A 61 13.39 -10.25 -11.76
CA GLU A 61 14.76 -10.43 -11.31
C GLU A 61 15.61 -9.19 -11.62
N ALA A 62 16.31 -8.67 -10.63
CA ALA A 62 17.21 -7.56 -10.86
C ALA A 62 18.42 -7.66 -9.95
N GLU A 63 19.46 -6.92 -10.28
CA GLU A 63 20.73 -7.00 -9.57
C GLU A 63 20.79 -6.06 -8.38
N SER A 64 19.86 -5.11 -8.32
CA SER A 64 19.85 -4.11 -7.25
C SER A 64 18.55 -3.34 -7.19
N TRP A 65 18.29 -2.68 -6.07
CA TRP A 65 17.14 -1.79 -5.98
C TRP A 65 17.23 -0.69 -7.03
N ASP A 66 18.43 -0.16 -7.24
CA ASP A 66 18.61 0.92 -8.19
C ASP A 66 18.20 0.50 -9.60
N GLU A 67 18.42 -0.77 -9.93
CA GLU A 67 18.05 -1.32 -11.25
C GLU A 67 16.53 -1.40 -11.40
N VAL A 68 15.88 -1.85 -10.33
CA VAL A 68 14.43 -1.89 -10.30
C VAL A 68 13.86 -0.49 -10.46
N HIS A 69 14.40 0.47 -9.72
CA HIS A 69 13.83 1.81 -9.77
C HIS A 69 14.05 2.44 -11.14
N SER A 70 15.16 2.10 -11.77
CA SER A 70 15.43 2.61 -13.10
C SER A 70 14.52 1.92 -14.13
N PHE A 71 14.32 0.62 -13.96
CA PHE A 71 13.32 -0.09 -14.76
C PHE A 71 11.95 0.58 -14.71
N VAL A 72 11.46 0.82 -13.50
CA VAL A 72 10.16 1.44 -13.29
C VAL A 72 10.07 2.82 -13.92
N GLU A 73 11.07 3.66 -13.66
CA GLU A 73 11.06 5.04 -14.17
C GLU A 73 11.00 5.15 -15.71
N ASN A 74 11.57 4.19 -16.42
CA ASN A 74 11.60 4.24 -17.88
C ASN A 74 10.40 3.56 -18.56
N ASP A 75 9.49 3.05 -17.73
CA ASP A 75 8.24 2.46 -18.23
C ASP A 75 7.38 3.56 -18.87
N PRO A 76 6.94 3.35 -20.12
CA PRO A 76 6.03 4.29 -20.78
C PRO A 76 4.82 4.65 -19.89
N PHE A 77 4.34 3.68 -19.10
CA PHE A 77 3.23 3.94 -18.19
C PHE A 77 3.60 4.98 -17.13
N THR A 78 4.84 4.92 -16.63
CA THR A 78 5.33 5.89 -15.65
C THR A 78 5.33 7.28 -16.23
N LYS A 79 6.00 7.41 -17.38
CA LYS A 79 6.16 8.68 -18.05
C LYS A 79 4.83 9.31 -18.48
N ALA A 80 3.79 8.48 -18.62
CA ALA A 80 2.44 8.95 -18.97
C ALA A 80 1.66 9.45 -17.75
N GLY A 81 2.24 9.29 -16.56
CA GLY A 81 1.57 9.68 -15.32
C GLY A 81 0.38 8.79 -14.96
N LEU A 82 0.42 7.53 -15.37
CA LEU A 82 -0.69 6.61 -15.14
C LEU A 82 -0.82 6.20 -13.66
N PHE A 83 0.30 5.99 -12.99
CA PHE A 83 0.30 5.35 -11.67
C PHE A 83 0.20 6.30 -10.47
N ALA A 84 -0.66 5.96 -9.52
CA ALA A 84 -0.84 6.74 -8.30
C ALA A 84 -0.17 6.05 -7.10
N ALA A 85 0.08 4.75 -7.23
CA ALA A 85 0.70 4.00 -6.15
C ALA A 85 1.74 3.06 -6.72
N THR A 86 2.89 3.00 -6.06
CA THR A 86 3.93 2.09 -6.51
C THR A 86 4.52 1.46 -5.27
N ILE A 87 4.60 0.13 -5.25
CA ILE A 87 5.19 -0.59 -4.12
C ILE A 87 6.15 -1.64 -4.67
N VAL A 88 7.37 -1.63 -4.13
CA VAL A 88 8.42 -2.55 -4.53
C VAL A 88 8.88 -3.31 -3.29
N GLU A 89 9.08 -4.62 -3.41
CA GLU A 89 9.50 -5.44 -2.29
C GLU A 89 10.48 -6.51 -2.74
N ARG A 90 11.63 -6.60 -2.08
CA ARG A 90 12.51 -7.74 -2.26
C ARG A 90 11.74 -8.97 -1.77
N TRP A 91 11.95 -10.11 -2.41
CA TRP A 91 11.05 -11.26 -2.25
C TRP A 91 11.73 -12.56 -2.66
N LYS A 92 11.17 -13.68 -2.22
CA LYS A 92 11.66 -14.99 -2.66
C LYS A 92 10.52 -15.99 -2.64
N HIS A 93 10.60 -17.01 -3.50
CA HIS A 93 9.64 -18.11 -3.47
C HIS A 93 9.78 -18.82 -2.12
N GLY A 94 8.65 -19.24 -1.54
CA GLY A 94 8.63 -19.89 -0.23
C GLY A 94 8.89 -21.39 -0.27
N MSE B 1 0.44 7.30 21.74
CA MSE B 1 1.07 7.10 20.44
C MSE B 1 0.16 7.52 19.28
O MSE B 1 -1.06 7.47 19.38
CB MSE B 1 1.49 5.64 20.28
CG MSE B 1 2.69 5.22 21.12
SE MSE B 1 3.30 3.40 20.70
CE MSE B 1 1.74 2.44 21.33
N LEU B 2 0.78 7.93 18.17
CA LEU B 2 -0.01 8.27 16.98
C LEU B 2 0.11 7.22 15.86
N PHE B 3 -1.03 6.96 15.21
CA PHE B 3 -1.09 5.95 14.15
C PHE B 3 -1.80 6.44 12.88
N LEU B 4 -1.20 6.17 11.72
CA LEU B 4 -1.87 6.35 10.44
C LEU B 4 -2.71 5.10 10.24
N ILE B 5 -3.98 5.28 9.88
CA ILE B 5 -4.83 4.15 9.54
C ILE B 5 -5.42 4.38 8.15
N TYR B 6 -4.95 3.61 7.18
CA TYR B 6 -5.35 3.81 5.79
C TYR B 6 -6.12 2.58 5.29
N ARG B 7 -7.35 2.79 4.81
N ARG B 7 -7.34 2.80 4.82
CA ARG B 7 -8.16 1.70 4.30
CA ARG B 7 -8.17 1.71 4.30
C ARG B 7 -8.82 2.08 2.97
C ARG B 7 -8.81 2.08 2.97
N LYS B 8 -8.79 1.16 2.01
CA LYS B 8 -9.37 1.39 0.69
C LYS B 8 -10.51 0.42 0.38
N ASP B 9 -11.63 0.94 -0.10
CA ASP B 9 -12.76 0.08 -0.44
C ASP B 9 -12.42 -0.93 -1.54
N ARG B 10 -13.04 -2.11 -1.45
CA ARG B 10 -13.06 -3.05 -2.54
C ARG B 10 -13.63 -2.34 -3.76
N PRO B 11 -13.09 -2.60 -4.96
CA PRO B 11 -13.66 -1.96 -6.15
C PRO B 11 -15.07 -2.49 -6.39
N GLY B 12 -16.05 -1.61 -6.56
CA GLY B 12 -17.42 -2.04 -6.76
C GLY B 12 -18.29 -1.94 -5.53
N SER B 13 -17.67 -1.72 -4.37
CA SER B 13 -18.41 -1.75 -3.12
C SER B 13 -18.87 -0.38 -2.57
N LEU B 14 -18.99 0.62 -3.44
CA LEU B 14 -19.48 1.94 -3.00
C LEU B 14 -20.78 1.84 -2.18
N GLN B 15 -21.71 0.99 -2.59
CA GLN B 15 -23.00 0.96 -1.93
C GLN B 15 -22.90 0.43 -0.50
N VAL B 16 -21.93 -0.45 -0.29
CA VAL B 16 -21.64 -0.98 1.04
C VAL B 16 -21.19 0.16 1.92
N ARG B 17 -20.37 1.04 1.36
CA ARG B 17 -19.97 2.23 2.08
C ARG B 17 -21.19 3.11 2.36
N ILE B 18 -21.99 3.37 1.34
CA ILE B 18 -23.19 4.21 1.51
C ILE B 18 -24.14 3.66 2.56
N ASP B 19 -24.51 2.38 2.45
CA ASP B 19 -25.49 1.79 3.37
C ASP B 19 -24.99 1.78 4.82
N ASN B 20 -23.68 1.82 5.01
CA ASN B 20 -23.11 1.69 6.35
C ASN B 20 -22.43 2.95 6.89
N TYR B 21 -22.50 4.03 6.14
CA TYR B 21 -21.76 5.25 6.47
C TYR B 21 -22.20 5.87 7.79
N ALA B 22 -23.51 5.88 8.02
CA ALA B 22 -24.07 6.45 9.24
C ALA B 22 -23.61 5.68 10.47
N ALA B 23 -23.68 4.36 10.39
CA ALA B 23 -23.19 3.52 11.47
C ALA B 23 -21.69 3.77 11.69
N HIS B 24 -20.95 3.91 10.59
CA HIS B 24 -19.51 4.17 10.67
C HIS B 24 -19.23 5.50 11.39
N LEU B 25 -20.00 6.52 11.06
CA LEU B 25 -19.85 7.81 11.72
C LEU B 25 -20.25 7.74 13.19
N ALA B 26 -21.29 6.97 13.52
CA ALA B 26 -21.72 6.83 14.92
C ALA B 26 -20.61 6.18 15.76
N TYR B 27 -19.97 5.18 15.18
CA TYR B 27 -18.86 4.48 15.81
C TYR B 27 -17.66 5.38 16.07
N LEU B 28 -17.41 6.31 15.14
CA LEU B 28 -16.27 7.23 15.27
C LEU B 28 -16.56 8.33 16.29
N GLU B 29 -17.83 8.69 16.41
CA GLU B 29 -18.28 9.81 17.26
C GLU B 29 -17.73 9.87 18.70
N PRO B 30 -17.81 8.78 19.46
CA PRO B 30 -17.26 8.83 20.83
C PRO B 30 -15.75 9.00 20.87
N LEU B 31 -15.09 8.85 19.72
CA LEU B 31 -13.63 8.87 19.70
C LEU B 31 -13.09 10.19 19.19
N LYS B 32 -13.97 11.15 18.91
CA LYS B 32 -13.58 12.46 18.36
C LYS B 32 -12.30 13.00 18.99
N ALA B 33 -12.17 12.83 20.30
CA ALA B 33 -10.99 13.29 21.04
C ALA B 33 -9.69 12.68 20.50
N LYS B 34 -9.70 11.37 20.32
CA LYS B 34 -8.53 10.63 19.90
C LYS B 34 -8.16 10.82 18.42
N ILE B 35 -9.09 11.32 17.61
CA ILE B 35 -8.87 11.42 16.16
C ILE B 35 -8.36 12.79 15.74
N GLN B 36 -7.09 12.88 15.36
CA GLN B 36 -6.50 14.17 15.00
C GLN B 36 -6.88 14.63 13.60
N VAL B 37 -6.92 13.69 12.66
CA VAL B 37 -7.32 13.98 11.28
C VAL B 37 -8.22 12.85 10.80
N GLY B 38 -9.26 13.18 10.04
CA GLY B 38 -10.11 12.15 9.46
C GLY B 38 -10.83 12.53 8.18
N GLY B 39 -10.95 11.59 7.25
CA GLY B 39 -11.70 11.84 6.05
C GLY B 39 -11.56 10.72 5.05
N PRO B 40 -12.38 10.74 4.00
CA PRO B 40 -12.31 9.72 2.95
C PRO B 40 -11.32 10.03 1.84
N THR B 41 -10.77 8.99 1.22
CA THR B 41 -10.08 9.16 -0.06
C THR B 41 -11.14 9.28 -1.13
N LEU B 42 -10.79 9.93 -2.24
CA LEU B 42 -11.75 10.23 -3.30
C LEU B 42 -11.29 9.65 -4.63
N GLY B 43 -12.25 9.32 -5.49
CA GLY B 43 -11.94 8.70 -6.76
C GLY B 43 -11.69 9.64 -7.93
N ALA B 44 -12.14 9.20 -9.10
CA ALA B 44 -11.93 9.92 -10.35
C ALA B 44 -12.66 11.24 -10.37
N GLY B 45 -12.18 12.15 -11.20
CA GLY B 45 -12.81 13.46 -11.35
C GLY B 45 -12.48 14.43 -10.25
N THR B 46 -13.37 15.40 -10.04
CA THR B 46 -13.12 16.50 -9.12
C THR B 46 -14.17 16.61 -8.04
N GLY B 47 -15.19 15.76 -8.09
CA GLY B 47 -16.28 15.84 -7.15
C GLY B 47 -15.85 15.48 -5.75
N THR B 48 -16.45 16.11 -4.75
CA THR B 48 -16.11 15.85 -3.36
C THR B 48 -17.32 15.43 -2.53
N ASP B 49 -18.30 14.80 -3.17
CA ASP B 49 -19.51 14.34 -2.50
C ASP B 49 -19.39 12.88 -2.06
N ASP B 50 -20.39 12.42 -1.32
CA ASP B 50 -20.44 11.04 -0.85
C ASP B 50 -20.10 9.99 -1.92
N LYS B 51 -20.69 10.10 -3.10
CA LYS B 51 -20.52 9.06 -4.13
C LYS B 51 -19.10 9.01 -4.71
N ASP B 52 -18.24 9.94 -4.30
CA ASP B 52 -16.85 9.97 -4.75
C ASP B 52 -15.89 9.24 -3.80
N MSE B 53 -16.42 8.84 -2.65
CA MSE B 53 -15.60 8.22 -1.63
C MSE B 53 -15.12 6.86 -2.09
O MSE B 53 -15.88 6.08 -2.65
CB MSE B 53 -16.39 8.08 -0.32
CG MSE B 53 -16.53 9.36 0.48
SE MSE B 53 -17.58 9.10 2.11
CE MSE B 53 -16.39 8.71 3.54
N THR B 54 -13.84 6.57 -1.85
CA THR B 54 -13.28 5.29 -2.21
C THR B 54 -12.55 4.63 -1.03
N GLY B 55 -12.59 5.24 0.15
CA GLY B 55 -11.85 4.71 1.28
C GLY B 55 -11.82 5.62 2.50
N SER B 56 -11.07 5.22 3.54
CA SER B 56 -11.06 5.99 4.79
C SER B 56 -9.66 6.18 5.31
N PHE B 57 -9.37 7.40 5.78
CA PHE B 57 -8.09 7.68 6.40
C PHE B 57 -8.23 8.37 7.74
N LEU B 58 -7.46 7.92 8.72
CA LEU B 58 -7.42 8.53 10.05
C LEU B 58 -6.01 8.64 10.53
N ILE B 59 -5.75 9.70 11.29
CA ILE B 59 -4.64 9.76 12.21
C ILE B 59 -5.21 9.69 13.62
N MSE B 60 -4.83 8.67 14.37
CA MSE B 60 -5.45 8.46 15.68
C MSE B 60 -4.47 8.25 16.83
O MSE B 60 -3.39 7.68 16.67
CB MSE B 60 -6.42 7.29 15.62
CG MSE B 60 -7.43 7.27 16.75
SE MSE B 60 -8.58 5.70 16.60
CE MSE B 60 -7.21 4.35 16.94
N GLU B 61 -4.87 8.74 18.01
CA GLU B 61 -4.13 8.57 19.23
C GLU B 61 -4.56 7.27 19.88
N ALA B 62 -3.60 6.42 20.21
CA ALA B 62 -3.89 5.17 20.91
C ALA B 62 -2.74 4.76 21.83
N GLU B 63 -3.04 3.92 22.81
CA GLU B 63 -2.03 3.50 23.77
C GLU B 63 -1.23 2.28 23.35
N SER B 64 -1.74 1.56 22.35
CA SER B 64 -1.10 0.32 21.91
C SER B 64 -1.51 -0.05 20.49
N TRP B 65 -0.73 -0.95 19.88
CA TRP B 65 -1.15 -1.59 18.64
C TRP B 65 -2.42 -2.41 18.86
N ASP B 66 -2.53 -3.05 20.02
CA ASP B 66 -3.73 -3.80 20.37
C ASP B 66 -4.95 -2.92 20.31
N GLU B 67 -4.83 -1.71 20.87
CA GLU B 67 -5.97 -0.81 20.91
C GLU B 67 -6.39 -0.41 19.48
N VAL B 68 -5.40 -0.10 18.65
CA VAL B 68 -5.66 0.27 17.26
C VAL B 68 -6.30 -0.88 16.47
N HIS B 69 -5.81 -2.10 16.69
CA HIS B 69 -6.37 -3.24 15.98
C HIS B 69 -7.81 -3.50 16.38
N SER B 70 -8.10 -3.35 17.68
CA SER B 70 -9.46 -3.49 18.17
C SER B 70 -10.36 -2.43 17.55
N PHE B 71 -9.87 -1.20 17.48
CA PHE B 71 -10.65 -0.13 16.88
C PHE B 71 -10.95 -0.42 15.41
N VAL B 72 -9.92 -0.85 14.66
CA VAL B 72 -10.14 -1.29 13.28
C VAL B 72 -11.16 -2.43 13.14
N GLU B 73 -11.03 -3.46 13.98
CA GLU B 73 -11.89 -4.65 13.87
C GLU B 73 -13.35 -4.40 14.18
N ASN B 74 -13.63 -3.39 15.00
CA ASN B 74 -14.99 -3.18 15.48
C ASN B 74 -15.75 -2.12 14.71
N ASP B 75 -15.04 -1.46 13.80
CA ASP B 75 -15.65 -0.60 12.82
C ASP B 75 -16.76 -1.39 12.09
N PRO B 76 -17.96 -0.83 12.04
CA PRO B 76 -19.04 -1.40 11.22
C PRO B 76 -18.58 -1.67 9.78
N PHE B 77 -17.68 -0.85 9.25
CA PHE B 77 -17.17 -1.04 7.88
C PHE B 77 -16.39 -2.35 7.75
N THR B 78 -15.73 -2.77 8.82
CA THR B 78 -14.86 -3.93 8.77
C THR B 78 -15.71 -5.18 8.63
N LYS B 79 -16.69 -5.30 9.51
CA LYS B 79 -17.56 -6.45 9.54
C LYS B 79 -18.41 -6.47 8.28
N ALA B 80 -18.66 -5.31 7.70
CA ALA B 80 -19.48 -5.23 6.49
C ALA B 80 -18.71 -5.70 5.26
N GLY B 81 -17.39 -5.85 5.41
CA GLY B 81 -16.54 -6.38 4.35
C GLY B 81 -16.12 -5.36 3.30
N LEU B 82 -16.15 -4.09 3.68
CA LEU B 82 -15.94 -2.99 2.75
C LEU B 82 -14.53 -2.89 2.16
N PHE B 83 -13.52 -3.17 2.98
CA PHE B 83 -12.14 -2.84 2.60
C PHE B 83 -11.35 -3.96 1.96
N ALA B 84 -10.64 -3.64 0.89
CA ALA B 84 -9.71 -4.57 0.27
C ALA B 84 -8.26 -4.28 0.68
N ALA B 85 -8.03 -3.18 1.38
CA ALA B 85 -6.67 -2.78 1.77
C ALA B 85 -6.70 -2.04 3.08
N THR B 86 -5.78 -2.41 3.96
CA THR B 86 -5.67 -1.80 5.28
C THR B 86 -4.19 -1.63 5.59
N ILE B 87 -3.78 -0.39 5.87
CA ILE B 87 -2.42 -0.09 6.24
C ILE B 87 -2.40 0.68 7.55
N VAL B 88 -1.65 0.18 8.54
CA VAL B 88 -1.45 0.90 9.80
C VAL B 88 0.05 1.21 10.06
N GLU B 89 0.36 2.46 10.41
CA GLU B 89 1.73 2.88 10.72
C GLU B 89 1.82 3.70 12.01
N ARG B 90 2.81 3.40 12.85
CA ARG B 90 3.14 4.29 13.96
C ARG B 90 3.72 5.56 13.34
N TRP B 91 3.46 6.70 13.95
CA TRP B 91 3.70 7.96 13.28
C TRP B 91 3.86 9.11 14.28
N LYS B 92 4.55 10.17 13.89
CA LYS B 92 4.61 11.38 14.71
C LYS B 92 4.61 12.63 13.84
N HIS B 93 4.15 13.74 14.40
CA HIS B 93 4.24 15.03 13.74
C HIS B 93 5.71 15.37 13.57
N GLY B 94 6.08 15.92 12.43
CA GLY B 94 7.43 16.41 12.24
C GLY B 94 7.70 17.66 13.07
N MSE C 1 -11.45 -17.01 -9.82
CA MSE C 1 -10.73 -15.77 -10.05
C MSE C 1 -9.35 -15.82 -9.40
O MSE C 1 -9.09 -16.70 -8.58
CB MSE C 1 -11.50 -14.56 -9.48
CG MSE C 1 -13.03 -14.69 -9.38
SE MSE C 1 -13.85 -13.09 -8.53
CE MSE C 1 -14.22 -12.07 -10.14
N LEU C 2 -8.48 -14.89 -9.75
CA LEU C 2 -7.16 -14.81 -9.14
C LEU C 2 -6.98 -13.56 -8.29
N PHE C 3 -6.26 -13.68 -7.19
CA PHE C 3 -6.07 -12.56 -6.29
C PHE C 3 -4.60 -12.39 -5.89
N LEU C 4 -4.14 -11.15 -5.87
CA LEU C 4 -2.89 -10.84 -5.20
C LEU C 4 -3.23 -10.67 -3.74
N ILE C 5 -2.45 -11.31 -2.87
CA ILE C 5 -2.60 -11.12 -1.44
C ILE C 5 -1.26 -10.68 -0.89
N TYR C 6 -1.20 -9.42 -0.48
CA TYR C 6 0.03 -8.79 -0.02
C TYR C 6 -0.10 -8.36 1.42
N ARG C 7 0.79 -8.87 2.27
N ARG C 7 0.79 -8.85 2.28
CA ARG C 7 0.75 -8.57 3.71
CA ARG C 7 0.74 -8.54 3.69
C ARG C 7 2.15 -8.25 4.24
C ARG C 7 2.13 -8.28 4.27
N LYS C 8 2.27 -7.18 5.02
CA LYS C 8 3.55 -6.82 5.63
C LYS C 8 3.50 -6.93 7.14
N ASP C 9 4.52 -7.56 7.71
CA ASP C 9 4.65 -7.68 9.16
C ASP C 9 4.74 -6.31 9.84
N ARG C 10 4.19 -6.22 11.04
CA ARG C 10 4.35 -5.07 11.90
C ARG C 10 5.84 -4.95 12.26
N PRO C 11 6.39 -3.73 12.23
CA PRO C 11 7.80 -3.56 12.63
C PRO C 11 8.04 -4.11 14.04
N GLY C 12 9.07 -4.95 14.18
CA GLY C 12 9.41 -5.54 15.47
C GLY C 12 8.65 -6.83 15.76
N SER C 13 7.90 -7.31 14.79
CA SER C 13 7.11 -8.52 15.03
C SER C 13 7.71 -9.80 14.45
N LEU C 14 8.99 -9.78 14.11
CA LEU C 14 9.66 -10.97 13.60
C LEU C 14 9.40 -12.18 14.50
N GLN C 15 9.40 -11.96 15.81
CA GLN C 15 9.18 -13.04 16.77
C GLN C 15 7.78 -13.64 16.64
N VAL C 16 6.79 -12.80 16.33
CA VAL C 16 5.44 -13.31 16.14
C VAL C 16 5.38 -14.22 14.91
N ARG C 17 6.08 -13.82 13.85
CA ARG C 17 6.22 -14.68 12.67
C ARG C 17 6.87 -16.02 13.03
N ILE C 18 8.01 -16.00 13.72
CA ILE C 18 8.67 -17.24 14.10
C ILE C 18 7.69 -18.14 14.90
N ASP C 19 7.06 -17.56 15.92
CA ASP C 19 6.18 -18.31 16.80
C ASP C 19 4.99 -18.94 16.08
N ASN C 20 4.60 -18.39 14.93
CA ASN C 20 3.40 -18.85 14.24
C ASN C 20 3.63 -19.40 12.82
N TYR C 21 4.87 -19.38 12.37
CA TYR C 21 5.23 -19.88 11.05
C TYR C 21 4.76 -21.29 10.77
N ALA C 22 4.95 -22.20 11.73
CA ALA C 22 4.56 -23.61 11.56
C ALA C 22 3.05 -23.75 11.32
N ALA C 23 2.26 -23.20 12.24
CA ALA C 23 0.82 -23.19 12.09
C ALA C 23 0.38 -22.54 10.78
N HIS C 24 0.99 -21.41 10.43
CA HIS C 24 0.75 -20.74 9.14
C HIS C 24 1.00 -21.65 7.92
N LEU C 25 2.15 -22.33 7.88
CA LEU C 25 2.44 -23.27 6.80
C LEU C 25 1.48 -24.47 6.79
N ALA C 26 1.05 -24.89 7.97
CA ALA C 26 0.08 -25.97 8.08
C ALA C 26 -1.24 -25.56 7.44
N TYR C 27 -1.67 -24.34 7.73
CA TYR C 27 -2.89 -23.75 7.20
C TYR C 27 -2.91 -23.68 5.66
N LEU C 28 -1.78 -23.32 5.06
CA LEU C 28 -1.67 -23.24 3.60
C LEU C 28 -1.65 -24.60 2.92
N GLU C 29 -1.19 -25.63 3.63
CA GLU C 29 -1.01 -26.94 3.00
C GLU C 29 -2.24 -27.53 2.27
N PRO C 30 -3.41 -27.56 2.91
CA PRO C 30 -4.57 -28.13 2.21
C PRO C 30 -4.94 -27.35 0.96
N LEU C 31 -4.59 -26.06 0.95
CA LEU C 31 -4.96 -25.14 -0.13
C LEU C 31 -3.84 -24.99 -1.15
N LYS C 32 -2.83 -25.83 -1.05
CA LYS C 32 -1.65 -25.75 -1.90
C LYS C 32 -2.02 -25.65 -3.39
N ALA C 33 -3.03 -26.41 -3.81
CA ALA C 33 -3.47 -26.44 -5.21
C ALA C 33 -4.03 -25.12 -5.76
N LYS C 34 -4.55 -24.25 -4.88
CA LYS C 34 -5.06 -22.95 -5.29
C LYS C 34 -3.99 -21.84 -5.29
N ILE C 35 -2.81 -22.11 -4.73
CA ILE C 35 -1.79 -21.08 -4.64
C ILE C 35 -0.84 -21.13 -5.84
N GLN C 36 -0.90 -20.12 -6.72
CA GLN C 36 -0.03 -20.11 -7.91
C GLN C 36 1.41 -19.66 -7.64
N VAL C 37 1.58 -18.63 -6.82
CA VAL C 37 2.88 -18.09 -6.47
C VAL C 37 2.81 -17.77 -4.99
N GLY C 38 3.88 -18.06 -4.26
CA GLY C 38 3.89 -17.78 -2.84
C GLY C 38 5.29 -17.65 -2.29
N GLY C 39 5.50 -16.67 -1.42
CA GLY C 39 6.76 -16.51 -0.74
C GLY C 39 6.80 -15.28 0.14
N PRO C 40 7.76 -15.23 1.05
CA PRO C 40 7.87 -14.08 1.95
C PRO C 40 8.53 -12.88 1.28
N THR C 41 8.17 -11.67 1.69
CA THR C 41 8.91 -10.47 1.28
C THR C 41 10.13 -10.43 2.17
N LEU C 42 11.21 -9.80 1.69
CA LEU C 42 12.47 -9.76 2.45
C LEU C 42 12.89 -8.34 2.83
N GLY C 43 13.74 -8.24 3.86
CA GLY C 43 14.15 -6.94 4.36
C GLY C 43 15.45 -6.41 3.78
N ALA C 44 16.19 -5.65 4.59
CA ALA C 44 17.46 -5.02 4.20
C ALA C 44 18.51 -6.04 3.80
N GLY C 45 19.35 -5.67 2.83
CA GLY C 45 20.47 -6.53 2.45
C GLY C 45 20.14 -7.59 1.42
N THR C 46 20.89 -8.68 1.44
CA THR C 46 20.80 -9.69 0.39
C THR C 46 20.47 -11.08 0.94
N GLY C 47 20.36 -11.19 2.26
CA GLY C 47 20.03 -12.47 2.89
C GLY C 47 18.67 -12.99 2.48
N THR C 48 18.54 -14.31 2.40
CA THR C 48 17.26 -14.92 2.05
C THR C 48 16.87 -16.02 3.03
N ASP C 49 17.26 -15.85 4.29
CA ASP C 49 16.95 -16.83 5.33
C ASP C 49 15.76 -16.36 6.16
N ASP C 50 15.23 -17.25 7.00
CA ASP C 50 14.07 -16.95 7.83
C ASP C 50 14.13 -15.60 8.51
N LYS C 51 15.29 -15.25 9.05
CA LYS C 51 15.43 -13.99 9.78
C LYS C 51 15.32 -12.78 8.85
N ASP C 52 15.29 -13.01 7.54
CA ASP C 52 15.14 -11.92 6.59
C ASP C 52 13.66 -11.64 6.25
N MSE C 53 12.76 -12.50 6.71
CA MSE C 53 11.33 -12.33 6.37
C MSE C 53 10.71 -11.07 6.96
O MSE C 53 10.97 -10.72 8.10
CB MSE C 53 10.53 -13.58 6.75
CG MSE C 53 10.87 -14.77 5.88
SE MSE C 53 9.77 -16.32 6.25
CE MSE C 53 10.41 -16.62 8.07
N THR C 54 9.89 -10.39 6.16
CA THR C 54 9.22 -9.18 6.61
C THR C 54 7.75 -9.18 6.26
N GLY C 55 7.28 -10.21 5.57
CA GLY C 55 5.89 -10.22 5.12
C GLY C 55 5.54 -11.43 4.28
N SER C 56 4.30 -11.47 3.79
CA SER C 56 3.80 -12.61 3.03
C SER C 56 3.11 -12.19 1.74
N PHE C 57 3.49 -12.82 0.63
CA PHE C 57 2.80 -12.56 -0.63
C PHE C 57 2.29 -13.86 -1.26
N LEU C 58 1.11 -13.80 -1.85
CA LEU C 58 0.50 -14.98 -2.47
C LEU C 58 -0.23 -14.58 -3.74
N ILE C 59 -0.24 -15.47 -4.72
CA ILE C 59 -1.22 -15.35 -5.78
C ILE C 59 -2.13 -16.56 -5.69
N MSE C 60 -3.41 -16.31 -5.44
CA MSE C 60 -4.31 -17.41 -5.16
C MSE C 60 -5.59 -17.40 -5.97
O MSE C 60 -6.13 -16.35 -6.32
CB MSE C 60 -4.64 -17.44 -3.67
CG MSE C 60 -5.05 -18.81 -3.16
SE MSE C 60 -5.45 -18.63 -1.30
CE MSE C 60 -7.13 -17.62 -1.49
N GLU C 61 -6.08 -18.59 -6.27
CA GLU C 61 -7.36 -18.73 -6.94
C GLU C 61 -8.47 -18.92 -5.91
N ALA C 62 -9.50 -18.10 -6.02
CA ALA C 62 -10.67 -18.23 -5.16
C ALA C 62 -11.92 -18.00 -6.01
N GLU C 63 -13.08 -18.43 -5.52
CA GLU C 63 -14.31 -18.30 -6.30
C GLU C 63 -14.99 -16.96 -6.09
N SER C 64 -14.55 -16.22 -5.08
CA SER C 64 -15.16 -14.95 -4.76
C SER C 64 -14.29 -14.11 -3.82
N TRP C 65 -14.60 -12.83 -3.69
CA TRP C 65 -13.97 -11.99 -2.67
C TRP C 65 -14.25 -12.52 -1.25
N ASP C 66 -15.42 -13.08 -1.03
CA ASP C 66 -15.75 -13.59 0.31
C ASP C 66 -14.84 -14.74 0.68
N GLU C 67 -14.54 -15.59 -0.30
CA GLU C 67 -13.62 -16.69 -0.06
C GLU C 67 -12.20 -16.19 0.28
N VAL C 68 -11.70 -15.21 -0.47
CA VAL C 68 -10.37 -14.66 -0.21
C VAL C 68 -10.31 -14.02 1.16
N HIS C 69 -11.32 -13.21 1.46
CA HIS C 69 -11.33 -12.48 2.72
C HIS C 69 -11.38 -13.45 3.90
N SER C 70 -12.16 -14.50 3.77
CA SER C 70 -12.25 -15.49 4.84
C SER C 70 -10.94 -16.26 4.98
N PHE C 71 -10.30 -16.55 3.85
CA PHE C 71 -9.00 -17.19 3.84
C PHE C 71 -7.97 -16.32 4.59
N VAL C 72 -8.09 -15.02 4.45
CA VAL C 72 -7.19 -14.10 5.12
C VAL C 72 -7.46 -14.09 6.63
N GLU C 73 -8.72 -13.99 7.01
CA GLU C 73 -9.13 -13.95 8.43
C GLU C 73 -8.75 -15.22 9.20
N ASN C 74 -8.78 -16.36 8.54
CA ASN C 74 -8.54 -17.61 9.23
C ASN C 74 -7.08 -18.01 9.35
N ASP C 75 -6.21 -17.25 8.72
CA ASP C 75 -4.77 -17.46 8.83
C ASP C 75 -4.33 -17.30 10.28
N PRO C 76 -3.60 -18.30 10.80
CA PRO C 76 -2.95 -18.17 12.12
C PRO C 76 -2.20 -16.82 12.27
N PHE C 77 -1.54 -16.37 11.20
CA PHE C 77 -0.82 -15.10 11.21
C PHE C 77 -1.73 -13.90 11.45
N THR C 78 -2.96 -13.97 10.97
CA THR C 78 -3.93 -12.90 11.13
C THR C 78 -4.38 -12.83 12.57
N LYS C 79 -4.79 -13.98 13.10
CA LYS C 79 -5.29 -14.07 14.46
C LYS C 79 -4.20 -13.74 15.48
N ALA C 80 -2.94 -13.83 15.08
CA ALA C 80 -1.84 -13.46 15.97
C ALA C 80 -1.50 -11.98 15.87
N GLY C 81 -2.09 -11.29 14.91
CA GLY C 81 -1.86 -9.86 14.76
C GLY C 81 -0.48 -9.52 14.24
N LEU C 82 0.04 -10.36 13.34
CA LEU C 82 1.39 -10.15 12.81
C LEU C 82 1.45 -8.95 11.85
N PHE C 83 0.39 -8.75 11.07
CA PHE C 83 0.41 -7.81 9.94
C PHE C 83 -0.05 -6.38 10.26
N ALA C 84 0.74 -5.41 9.78
CA ALA C 84 0.37 -4.00 9.83
C ALA C 84 -0.28 -3.53 8.52
N ALA C 85 -0.06 -4.26 7.43
CA ALA C 85 -0.59 -3.87 6.12
C ALA C 85 -1.09 -5.09 5.35
N THR C 86 -2.28 -4.98 4.78
CA THR C 86 -2.87 -6.05 3.99
C THR C 86 -3.49 -5.44 2.74
N ILE C 87 -3.14 -5.95 1.58
CA ILE C 87 -3.71 -5.47 0.32
C ILE C 87 -4.17 -6.67 -0.50
N VAL C 88 -5.45 -6.70 -0.88
CA VAL C 88 -5.97 -7.74 -1.77
C VAL C 88 -6.42 -7.13 -3.10
N GLU C 89 -6.02 -7.76 -4.21
CA GLU C 89 -6.35 -7.28 -5.54
C GLU C 89 -6.79 -8.41 -6.43
N ARG C 90 -7.94 -8.23 -7.08
CA ARG C 90 -8.33 -9.09 -8.18
C ARG C 90 -7.31 -8.94 -9.32
N TRP C 91 -6.94 -10.04 -9.96
CA TRP C 91 -5.79 -10.03 -10.87
C TRP C 91 -5.91 -11.08 -11.98
N LYS C 92 -5.12 -10.92 -13.05
CA LYS C 92 -5.03 -11.95 -14.08
C LYS C 92 -3.64 -11.95 -14.67
N HIS C 93 -3.23 -13.08 -15.26
CA HIS C 93 -1.95 -13.16 -15.94
C HIS C 93 -2.01 -12.29 -17.19
N GLY C 94 -0.86 -11.74 -17.60
CA GLY C 94 -0.77 -11.02 -18.86
C GLY C 94 -0.58 -11.98 -20.04
N MSE D 1 -7.26 21.05 -4.28
CA MSE D 1 -7.55 19.68 -3.84
C MSE D 1 -6.58 19.30 -2.74
O MSE D 1 -5.52 19.89 -2.59
CB MSE D 1 -7.36 18.68 -5.00
CG MSE D 1 -8.26 18.87 -6.19
SE MSE D 1 -7.95 17.53 -7.61
CE MSE D 1 -8.83 18.51 -9.03
N LEU D 2 -6.94 18.27 -1.98
CA LEU D 2 -6.04 17.72 -0.97
C LEU D 2 -5.60 16.32 -1.41
N PHE D 3 -4.37 15.95 -1.06
CA PHE D 3 -3.83 14.65 -1.37
C PHE D 3 -3.11 14.02 -0.20
N LEU D 4 -3.34 12.73 0.03
CA LEU D 4 -2.50 11.96 0.92
C LEU D 4 -1.24 11.62 0.15
N ILE D 5 -0.09 11.77 0.79
CA ILE D 5 1.16 11.30 0.21
C ILE D 5 1.89 10.42 1.22
N TYR D 6 1.93 9.12 0.94
CA TYR D 6 2.46 8.13 1.87
C TYR D 6 3.66 7.45 1.21
N ARG D 7 4.81 7.50 1.88
N ARG D 7 4.80 7.51 1.89
CA ARG D 7 6.02 6.95 1.31
CA ARG D 7 6.03 6.97 1.36
C ARG D 7 6.81 6.18 2.36
C ARG D 7 6.73 6.13 2.42
N LYS D 8 7.23 4.97 2.03
CA LYS D 8 7.99 4.13 2.96
C LYS D 8 9.40 3.91 2.44
N ASP D 9 10.37 4.04 3.34
CA ASP D 9 11.78 3.90 2.98
C ASP D 9 12.11 2.47 2.55
N ARG D 10 13.07 2.33 1.63
CA ARG D 10 13.66 1.03 1.36
C ARG D 10 14.20 0.50 2.69
N PRO D 11 14.11 -0.82 2.93
CA PRO D 11 14.66 -1.45 4.14
C PRO D 11 16.14 -1.12 4.33
N GLY D 12 16.52 -0.68 5.52
CA GLY D 12 17.90 -0.26 5.76
C GLY D 12 18.44 0.78 4.78
N SER D 13 17.61 1.77 4.44
CA SER D 13 18.06 2.94 3.71
C SER D 13 18.10 4.10 4.71
N LEU D 14 18.00 3.76 5.99
CA LEU D 14 17.95 4.73 7.08
C LEU D 14 19.02 5.79 6.93
N GLN D 15 20.20 5.38 6.49
CA GLN D 15 21.32 6.29 6.39
C GLN D 15 21.05 7.32 5.30
N VAL D 16 20.50 6.87 4.18
CA VAL D 16 20.07 7.78 3.12
C VAL D 16 19.06 8.80 3.65
N ARG D 17 18.15 8.35 4.51
CA ARG D 17 17.22 9.26 5.14
C ARG D 17 17.94 10.30 6.01
N ILE D 18 18.83 9.85 6.90
CA ILE D 18 19.55 10.73 7.82
C ILE D 18 20.45 11.73 7.07
N ASP D 19 21.15 11.24 6.05
CA ASP D 19 22.05 12.08 5.26
C ASP D 19 21.31 13.14 4.44
N ASN D 20 20.07 12.86 4.04
CA ASN D 20 19.33 13.80 3.20
C ASN D 20 18.20 14.56 3.90
N TYR D 21 18.05 14.34 5.20
CA TYR D 21 16.91 14.86 5.94
C TYR D 21 16.83 16.39 5.98
N ALA D 22 17.98 17.03 6.12
CA ALA D 22 18.02 18.47 6.23
C ALA D 22 17.53 19.07 4.91
N ALA D 23 18.06 18.57 3.80
CA ALA D 23 17.67 19.03 2.46
C ALA D 23 16.18 18.83 2.19
N HIS D 24 15.65 17.67 2.57
CA HIS D 24 14.23 17.38 2.43
C HIS D 24 13.39 18.35 3.25
N LEU D 25 13.82 18.62 4.47
CA LEU D 25 13.14 19.58 5.34
C LEU D 25 13.16 21.00 4.76
N ALA D 26 14.28 21.36 4.14
CA ALA D 26 14.40 22.66 3.47
C ALA D 26 13.51 22.73 2.24
N TYR D 27 13.31 21.58 1.61
CA TYR D 27 12.46 21.52 0.42
C TYR D 27 10.99 21.79 0.78
N LEU D 28 10.56 21.26 1.92
CA LEU D 28 9.18 21.43 2.38
C LEU D 28 8.87 22.86 2.79
N GLU D 29 9.87 23.53 3.33
CA GLU D 29 9.71 24.86 3.93
C GLU D 29 8.89 25.89 3.12
N PRO D 30 9.25 26.13 1.84
CA PRO D 30 8.47 27.09 1.05
C PRO D 30 7.01 26.68 0.82
N LEU D 31 6.67 25.43 1.13
CA LEU D 31 5.32 24.93 0.87
C LEU D 31 4.45 24.83 2.12
N LYS D 32 4.95 25.35 3.24
CA LYS D 32 4.35 25.13 4.55
C LYS D 32 2.82 25.19 4.61
N ALA D 33 2.23 26.31 4.20
CA ALA D 33 0.78 26.47 4.31
C ALA D 33 0.00 25.42 3.50
N LYS D 34 0.59 24.96 2.39
CA LYS D 34 0.00 23.92 1.57
C LYS D 34 0.13 22.53 2.21
N ILE D 35 1.01 22.41 3.20
CA ILE D 35 1.17 21.16 3.95
C ILE D 35 0.46 21.20 5.30
N GLN D 36 -0.64 20.47 5.42
CA GLN D 36 -1.53 20.58 6.58
C GLN D 36 -1.06 19.72 7.74
N VAL D 37 -0.70 18.49 7.42
CA VAL D 37 -0.17 17.55 8.40
C VAL D 37 0.99 16.89 7.72
N GLY D 38 2.08 16.70 8.46
CA GLY D 38 3.25 16.04 7.92
C GLY D 38 4.10 15.49 9.04
N GLY D 39 4.74 14.35 8.78
CA GLY D 39 5.69 13.77 9.72
C GLY D 39 6.06 12.37 9.31
N PRO D 40 7.10 11.83 9.95
CA PRO D 40 7.66 10.51 9.60
C PRO D 40 6.87 9.35 10.20
N THR D 41 6.74 8.25 9.47
CA THR D 41 6.25 7.02 10.06
C THR D 41 7.39 6.49 10.92
N LEU D 42 7.07 5.69 11.93
CA LEU D 42 8.05 5.22 12.89
C LEU D 42 8.06 3.70 12.98
N GLY D 43 9.19 3.13 13.39
CA GLY D 43 9.36 1.69 13.36
C GLY D 43 9.03 0.96 14.64
N ALA D 44 9.77 -0.12 14.90
CA ALA D 44 9.57 -0.91 16.11
C ALA D 44 9.85 -0.11 17.36
N GLY D 45 9.13 -0.41 18.44
CA GLY D 45 9.35 0.22 19.72
C GLY D 45 8.50 1.45 19.96
N THR D 46 9.00 2.32 20.84
CA THR D 46 8.27 3.51 21.27
C THR D 46 9.09 4.77 21.03
N GLY D 47 10.29 4.59 20.47
CA GLY D 47 11.17 5.73 20.23
C GLY D 47 10.69 6.65 19.14
N THR D 48 10.87 7.95 19.37
CA THR D 48 10.46 8.96 18.40
C THR D 48 11.63 9.78 17.89
N ASP D 49 12.83 9.19 17.89
CA ASP D 49 14.03 9.90 17.45
C ASP D 49 14.29 9.62 15.99
N ASP D 50 15.25 10.33 15.40
CA ASP D 50 15.52 10.25 13.97
C ASP D 50 15.77 8.82 13.52
N LYS D 51 16.44 8.03 14.36
CA LYS D 51 16.76 6.66 13.98
C LYS D 51 15.54 5.75 13.95
N ASP D 52 14.39 6.27 14.39
CA ASP D 52 13.16 5.48 14.36
C ASP D 52 12.32 5.75 13.11
N MSE D 53 12.78 6.61 12.22
CA MSE D 53 11.97 6.97 11.06
C MSE D 53 12.05 5.90 10.00
O MSE D 53 13.13 5.35 9.75
CB MSE D 53 12.43 8.30 10.49
CG MSE D 53 12.30 9.47 11.43
SE MSE D 53 12.64 11.19 10.60
CE MSE D 53 14.51 11.00 10.08
N THR D 54 10.91 5.59 9.38
CA THR D 54 10.83 4.56 8.34
C THR D 54 10.16 5.02 7.06
N GLY D 55 9.68 6.26 7.03
CA GLY D 55 8.98 6.76 5.87
C GLY D 55 8.38 8.13 6.14
N SER D 56 7.73 8.72 5.15
CA SER D 56 7.18 10.07 5.26
C SER D 56 5.69 10.10 4.94
N PHE D 57 4.91 10.77 5.79
CA PHE D 57 3.53 11.04 5.44
C PHE D 57 3.22 12.54 5.43
N LEU D 58 2.43 12.98 4.43
CA LEU D 58 2.02 14.37 4.27
C LEU D 58 0.59 14.42 3.76
N ILE D 59 -0.13 15.46 4.16
CA ILE D 59 -1.33 15.84 3.45
C ILE D 59 -1.04 17.16 2.76
N MSE D 60 -1.22 17.17 1.45
CA MSE D 60 -0.80 18.27 0.63
C MSE D 60 -1.96 18.89 -0.11
O MSE D 60 -2.73 18.20 -0.78
CB MSE D 60 0.18 17.77 -0.43
CG MSE D 60 0.37 18.75 -1.55
SE MSE D 60 1.73 20.11 -1.10
CE MSE D 60 3.09 18.95 -0.27
N GLU D 61 -2.07 20.21 -0.03
CA GLU D 61 -2.98 20.96 -0.88
C GLU D 61 -2.30 21.24 -2.22
N ALA D 62 -2.98 20.87 -3.30
CA ALA D 62 -2.44 21.05 -4.65
C ALA D 62 -3.60 21.20 -5.63
N GLU D 63 -3.31 21.81 -6.79
CA GLU D 63 -4.38 22.07 -7.76
C GLU D 63 -4.52 20.99 -8.81
N SER D 64 -3.68 19.96 -8.77
CA SER D 64 -3.73 18.92 -9.77
C SER D 64 -2.82 17.75 -9.42
N TRP D 65 -3.06 16.60 -10.06
CA TRP D 65 -2.18 15.45 -9.89
C TRP D 65 -0.79 15.78 -10.42
N ASP D 66 -0.73 16.49 -11.53
CA ASP D 66 0.54 16.92 -12.11
C ASP D 66 1.40 17.67 -11.08
N GLU D 67 0.79 18.57 -10.32
CA GLU D 67 1.46 19.30 -9.26
C GLU D 67 2.01 18.37 -8.18
N VAL D 68 1.22 17.38 -7.78
CA VAL D 68 1.63 16.45 -6.73
C VAL D 68 2.82 15.62 -7.17
N HIS D 69 2.73 15.04 -8.35
CA HIS D 69 3.77 14.19 -8.91
C HIS D 69 5.08 14.96 -9.01
N SER D 70 4.99 16.17 -9.54
CA SER D 70 6.13 17.06 -9.60
C SER D 70 6.68 17.43 -8.21
N PHE D 71 5.82 17.59 -7.21
CA PHE D 71 6.31 17.82 -5.86
C PHE D 71 7.07 16.60 -5.33
N VAL D 72 6.52 15.41 -5.58
CA VAL D 72 7.16 14.17 -5.18
C VAL D 72 8.50 13.99 -5.87
N GLU D 73 8.50 14.11 -7.21
CA GLU D 73 9.72 13.96 -8.02
C GLU D 73 10.91 14.81 -7.57
N ASN D 74 10.64 16.05 -7.18
CA ASN D 74 11.71 16.97 -6.87
C ASN D 74 12.10 17.01 -5.40
N ASP D 75 11.48 16.14 -4.61
CA ASP D 75 11.87 15.94 -3.22
C ASP D 75 13.30 15.37 -3.25
N PRO D 76 14.23 15.99 -2.49
CA PRO D 76 15.58 15.44 -2.34
C PRO D 76 15.53 13.97 -1.98
N PHE D 77 14.62 13.58 -1.09
CA PHE D 77 14.44 12.18 -0.72
C PHE D 77 14.14 11.31 -1.93
N THR D 78 13.29 11.81 -2.83
CA THR D 78 12.95 11.06 -4.02
C THR D 78 14.15 10.93 -4.95
N LYS D 79 14.80 12.06 -5.20
CA LYS D 79 16.00 12.08 -6.03
C LYS D 79 17.12 11.17 -5.52
N ALA D 80 17.12 10.89 -4.22
CA ALA D 80 18.16 10.05 -3.63
C ALA D 80 17.78 8.57 -3.58
N GLY D 81 16.63 8.21 -4.15
CA GLY D 81 16.21 6.81 -4.17
C GLY D 81 15.90 6.21 -2.80
N LEU D 82 15.34 7.02 -1.92
CA LEU D 82 15.07 6.56 -0.56
C LEU D 82 13.88 5.60 -0.45
N PHE D 83 12.88 5.74 -1.33
CA PHE D 83 11.59 5.10 -1.11
C PHE D 83 11.35 3.82 -1.86
N ALA D 84 10.67 2.88 -1.20
CA ALA D 84 10.28 1.61 -1.77
C ALA D 84 8.79 1.62 -2.17
N ALA D 85 8.00 2.45 -1.49
CA ALA D 85 6.57 2.50 -1.71
C ALA D 85 6.14 3.94 -1.71
N THR D 86 5.29 4.30 -2.65
CA THR D 86 4.71 5.63 -2.69
C THR D 86 3.22 5.49 -3.01
N ILE D 87 2.36 6.06 -2.17
CA ILE D 87 0.93 6.04 -2.44
C ILE D 87 0.36 7.45 -2.38
N VAL D 88 -0.33 7.85 -3.44
CA VAL D 88 -0.92 9.17 -3.51
C VAL D 88 -2.42 9.01 -3.70
N GLU D 89 -3.22 9.70 -2.90
CA GLU D 89 -4.69 9.60 -2.98
C GLU D 89 -5.34 10.96 -2.88
N ARG D 90 -6.26 11.26 -3.80
CA ARG D 90 -7.11 12.43 -3.64
C ARG D 90 -7.92 12.20 -2.36
N TRP D 91 -8.20 13.27 -1.62
CA TRP D 91 -8.73 13.13 -0.26
C TRP D 91 -9.46 14.41 0.16
N LYS D 92 -10.29 14.32 1.20
CA LYS D 92 -10.89 15.51 1.82
C LYS D 92 -11.09 15.28 3.33
N HIS D 93 -11.22 16.34 4.11
CA HIS D 93 -11.62 16.21 5.52
C HIS D 93 -13.04 15.68 5.63
N GLY D 94 -13.33 14.96 6.72
CA GLY D 94 -14.61 14.28 6.89
C GLY D 94 -15.70 15.12 7.53
#